data_8F4Y
#
_entry.id   8F4Y
#
_cell.length_a   171.040
_cell.length_b   171.040
_cell.length_c   52.029
_cell.angle_alpha   90.000
_cell.angle_beta   90.000
_cell.angle_gamma   120.000
#
_symmetry.space_group_name_H-M   'P 31 2 1'
#
loop_
_entity.id
_entity.type
_entity.pdbx_description
1 polymer "2'-O-methyltransferase"
2 polymer 'Non-structural protein 10'
3 non-polymer 'SODIUM ION'
4 non-polymer 4-[(E)-2-(2,4-dichlorophenyl)ethenyl]-6-(trifluoromethyl)pyrimidin-2-ol
5 non-polymer 4-[2-(2,4-dichlorophenyl)ethyl]-6-(trifluoromethyl)pyrimidin-2-ol
6 non-polymer 'FORMIC ACID'
7 non-polymer 'ZINC ION'
8 water water
#
loop_
_entity_poly.entity_id
_entity_poly.type
_entity_poly.pdbx_seq_one_letter_code
_entity_poly.pdbx_strand_id
1 'polypeptide(L)'
;SNASSQAWQPGVAMPNLYKMQRMLLEKCDLQNYGDSATLPKGIMMNVAKYTQLCQYLNTLTLAVPYNMRVIHFGAGSDKG
VAPGTAVLRQWLPTGTLLVDSDLNDFVSDADSTLIGDCATVHTANKWDLIISDMYDPKTKNVTKENDSKEGFFTYICGFI
QQKLALGGSVAIKITEHSWNADLYKLMGHFAWWTAFVTNVNASSSEAFLIGCNYLGKPREQIDGYVMHANYIFWRNTNPI
QLSSYSLFDMSKFPLKLRGTAVMSLKEGQINDMILSLLSKGRLIIRENNRVVISSDVLVNN
;
A
2 'polypeptide(L)'
;SNAAGNATEVPANSTVLSFCAFAVDAAKAYKDYLASGGQPITNCVKMLCTHTGTGQAITVTPEANMDQESFGGASCCLYC
RCHIDHPNPKGFCDLKGKYVQIPTTCANDPVGFTLKNTVCTVCGMWKGYGCSCDQLREPMLQ
;
B
#
loop_
_chem_comp.id
_chem_comp.type
_chem_comp.name
_chem_comp.formula
FMT non-polymer 'FORMIC ACID' 'C H2 O2'
NA non-polymer 'SODIUM ION' 'Na 1'
XDU non-polymer 4-[(E)-2-(2,4-dichlorophenyl)ethenyl]-6-(trifluoromethyl)pyrimidin-2-ol 'C13 H7 Cl2 F3 N2 O'
XE0 non-polymer 4-[2-(2,4-dichlorophenyl)ethyl]-6-(trifluoromethyl)pyrimidin-2-ol 'C13 H9 Cl2 F3 N2 O'
ZN non-polymer 'ZINC ION' 'Zn 2'
#
# COMPACT_ATOMS: atom_id res chain seq x y z
N SER A 4 -19.84 -18.13 -9.17
CA SER A 4 -18.58 -17.43 -9.55
C SER A 4 -18.72 -15.92 -9.37
N SER A 5 -19.55 -15.50 -8.40
CA SER A 5 -19.79 -14.09 -8.14
C SER A 5 -18.54 -13.46 -7.51
N GLN A 6 -17.58 -14.33 -7.13
CA GLN A 6 -16.35 -13.86 -6.54
C GLN A 6 -15.52 -13.05 -7.54
N ALA A 7 -15.73 -13.31 -8.84
CA ALA A 7 -14.95 -12.66 -9.88
C ALA A 7 -15.18 -11.15 -9.91
N TRP A 8 -16.33 -10.69 -9.40
CA TRP A 8 -16.63 -9.25 -9.37
C TRP A 8 -16.17 -8.63 -8.06
N GLN A 9 -15.75 -9.46 -7.11
CA GLN A 9 -15.19 -8.94 -5.87
C GLN A 9 -13.76 -8.50 -6.16
N PRO A 10 -13.14 -7.65 -5.31
CA PRO A 10 -11.73 -7.30 -5.46
C PRO A 10 -10.83 -8.50 -5.14
N GLY A 11 -11.39 -9.47 -4.42
CA GLY A 11 -10.65 -10.66 -4.04
C GLY A 11 -11.49 -11.57 -3.16
N VAL A 12 -10.83 -12.53 -2.50
CA VAL A 12 -11.53 -13.51 -1.68
C VAL A 12 -10.85 -13.59 -0.32
N ALA A 13 -11.67 -13.53 0.72
CA ALA A 13 -11.22 -13.65 2.10
C ALA A 13 -11.40 -15.08 2.55
N MET A 14 -10.48 -15.55 3.40
CA MET A 14 -10.50 -16.92 3.89
C MET A 14 -11.79 -17.15 4.68
N PRO A 15 -12.68 -18.08 4.27
CA PRO A 15 -13.92 -18.33 5.01
C PRO A 15 -13.67 -18.78 6.45
N ASN A 16 -14.58 -18.38 7.35
CA ASN A 16 -14.46 -18.63 8.78
C ASN A 16 -14.28 -20.11 9.09
N LEU A 17 -14.98 -20.99 8.37
CA LEU A 17 -14.89 -22.40 8.73
C LEU A 17 -13.48 -22.94 8.50
N TYR A 18 -12.74 -22.39 7.53
CA TYR A 18 -11.35 -22.80 7.29
C TYR A 18 -10.45 -22.37 8.44
N LYS A 19 -10.77 -21.23 9.07
CA LYS A 19 -9.98 -20.74 10.19
C LYS A 19 -10.11 -21.65 11.42
N MET A 20 -11.20 -22.43 11.47
CA MET A 20 -11.54 -23.23 12.63
C MET A 20 -10.98 -24.66 12.55
N GLN A 21 -10.29 -25.00 11.47
CA GLN A 21 -9.76 -26.34 11.31
C GLN A 21 -8.44 -26.48 12.07
N ARG A 22 -7.91 -27.71 12.08
N ARG A 22 -7.89 -27.69 12.05
CA ARG A 22 -6.63 -28.03 12.69
CA ARG A 22 -6.62 -27.97 12.69
C ARG A 22 -5.81 -28.83 11.70
C ARG A 22 -5.78 -28.81 11.72
N MET A 23 -5.42 -28.20 10.59
CA MET A 23 -4.72 -28.88 9.52
C MET A 23 -3.23 -28.91 9.78
N LEU A 24 -2.56 -29.88 9.13
CA LEU A 24 -1.11 -29.98 9.11
C LEU A 24 -0.64 -29.26 7.85
N LEU A 25 0.53 -28.63 7.91
CA LEU A 25 1.01 -27.87 6.77
C LEU A 25 1.38 -28.82 5.63
N GLU A 26 0.89 -28.49 4.43
CA GLU A 26 1.19 -29.23 3.22
C GLU A 26 1.76 -28.24 2.20
N LYS A 27 2.32 -28.80 1.12
N LYS A 27 2.31 -28.80 1.11
CA LYS A 27 2.82 -28.00 0.02
CA LYS A 27 2.84 -27.99 0.02
C LYS A 27 1.63 -27.28 -0.62
C LYS A 27 1.67 -27.33 -0.69
N CYS A 28 1.84 -26.05 -1.08
CA CYS A 28 0.80 -25.32 -1.77
C CYS A 28 0.86 -25.70 -3.25
N ASP A 29 -0.26 -26.21 -3.77
CA ASP A 29 -0.36 -26.62 -5.16
C ASP A 29 -1.64 -26.02 -5.75
N LEU A 30 -1.50 -24.84 -6.35
CA LEU A 30 -2.65 -24.11 -6.89
C LEU A 30 -2.99 -24.58 -8.31
N GLN A 31 -4.27 -24.89 -8.52
CA GLN A 31 -4.82 -25.30 -9.81
C GLN A 31 -4.55 -24.23 -10.88
N ASN A 32 -4.72 -22.96 -10.50
CA ASN A 32 -4.57 -21.86 -11.44
C ASN A 32 -3.13 -21.34 -11.47
N TYR A 33 -2.19 -22.08 -10.86
CA TYR A 33 -0.79 -21.67 -10.81
C TYR A 33 -0.20 -21.59 -12.21
N GLY A 34 0.00 -20.38 -12.71
CA GLY A 34 0.55 -20.19 -14.05
C GLY A 34 -0.31 -19.26 -14.89
N ASP A 35 -1.61 -19.21 -14.57
CA ASP A 35 -2.52 -18.30 -15.25
C ASP A 35 -2.19 -16.87 -14.84
N SER A 36 -2.70 -15.92 -15.63
CA SER A 36 -2.55 -14.50 -15.38
C SER A 36 -3.85 -13.79 -15.75
N ALA A 37 -4.23 -12.80 -14.92
CA ALA A 37 -5.43 -12.01 -15.19
C ALA A 37 -5.10 -11.02 -16.29
N THR A 38 -6.12 -10.53 -16.99
CA THR A 38 -5.90 -9.53 -18.02
C THR A 38 -6.07 -8.16 -17.36
N LEU A 39 -4.95 -7.48 -17.16
CA LEU A 39 -4.91 -6.16 -16.54
C LEU A 39 -5.32 -5.10 -17.54
N PRO A 40 -5.97 -4.00 -17.12
CA PRO A 40 -6.26 -2.89 -18.02
C PRO A 40 -4.93 -2.45 -18.65
N LYS A 41 -5.02 -1.97 -19.89
CA LYS A 41 -3.87 -1.55 -20.66
C LYS A 41 -2.96 -0.62 -19.88
N GLY A 42 -1.67 -0.98 -19.80
CA GLY A 42 -0.65 -0.16 -19.19
C GLY A 42 -0.70 -0.13 -17.66
N ILE A 43 -1.58 -0.92 -17.04
CA ILE A 43 -1.63 -0.97 -15.58
C ILE A 43 -0.73 -2.11 -15.10
N MET A 44 0.13 -1.82 -14.11
N MET A 44 0.11 -1.83 -14.11
CA MET A 44 1.05 -2.83 -13.59
CA MET A 44 1.04 -2.83 -13.62
C MET A 44 0.36 -3.62 -12.49
C MET A 44 0.42 -3.59 -12.45
N MET A 45 0.92 -4.81 -12.21
CA MET A 45 0.38 -5.71 -11.21
C MET A 45 0.37 -5.09 -9.81
N ASN A 46 1.40 -4.29 -9.48
N ASN A 46 1.41 -4.34 -9.44
CA ASN A 46 1.51 -3.74 -8.13
CA ASN A 46 1.45 -3.77 -8.10
C ASN A 46 0.39 -2.72 -7.90
C ASN A 46 0.33 -2.76 -7.91
N VAL A 47 0.00 -1.98 -8.95
CA VAL A 47 -1.08 -1.02 -8.83
C VAL A 47 -2.41 -1.76 -8.74
N ALA A 48 -2.57 -2.81 -9.55
CA ALA A 48 -3.81 -3.58 -9.56
C ALA A 48 -4.03 -4.26 -8.22
N LYS A 49 -2.96 -4.85 -7.70
CA LYS A 49 -2.99 -5.59 -6.44
C LYS A 49 -3.38 -4.67 -5.28
N TYR A 50 -2.70 -3.53 -5.18
CA TYR A 50 -3.01 -2.58 -4.11
C TYR A 50 -4.40 -1.99 -4.27
N THR A 51 -4.84 -1.80 -5.52
CA THR A 51 -6.18 -1.25 -5.72
C THR A 51 -7.20 -2.23 -5.15
N GLN A 52 -7.01 -3.53 -5.40
CA GLN A 52 -7.96 -4.52 -4.91
C GLN A 52 -7.88 -4.64 -3.39
N LEU A 53 -6.68 -4.52 -2.81
CA LEU A 53 -6.58 -4.56 -1.36
C LEU A 53 -7.37 -3.40 -0.75
N CYS A 54 -7.19 -2.18 -1.29
CA CYS A 54 -7.89 -1.02 -0.77
C CYS A 54 -9.39 -1.16 -0.98
N GLN A 55 -9.82 -1.71 -2.13
CA GLN A 55 -11.24 -1.93 -2.36
C GLN A 55 -11.80 -2.86 -1.30
N TYR A 56 -10.99 -3.85 -0.87
CA TYR A 56 -11.46 -4.77 0.15
C TYR A 56 -11.47 -4.07 1.52
N LEU A 57 -10.41 -3.34 1.85
CA LEU A 57 -10.33 -2.63 3.13
C LEU A 57 -11.52 -1.67 3.29
N ASN A 58 -12.04 -1.15 2.18
CA ASN A 58 -13.21 -0.26 2.23
C ASN A 58 -14.43 -0.96 2.83
N THR A 59 -14.49 -2.29 2.78
CA THR A 59 -15.67 -3.00 3.29
C THR A 59 -15.55 -3.32 4.77
N LEU A 60 -14.41 -3.02 5.39
CA LEU A 60 -14.20 -3.34 6.80
C LEU A 60 -14.47 -2.09 7.65
N THR A 61 -14.31 -2.23 8.98
CA THR A 61 -14.55 -1.12 9.90
C THR A 61 -13.25 -0.44 10.32
N LEU A 62 -12.46 0.00 9.33
CA LEU A 62 -11.24 0.73 9.62
C LEU A 62 -11.57 2.05 10.31
N ALA A 63 -10.78 2.36 11.35
CA ALA A 63 -10.83 3.64 12.01
C ALA A 63 -10.16 4.63 11.06
N VAL A 64 -10.78 5.80 10.86
CA VAL A 64 -10.23 6.79 9.94
C VAL A 64 -10.27 8.16 10.62
N PRO A 65 -9.27 8.47 11.48
N PRO A 65 -9.22 8.51 11.41
CA PRO A 65 -9.26 9.75 12.17
CA PRO A 65 -9.16 9.82 12.05
C PRO A 65 -8.67 10.87 11.30
C PRO A 65 -9.03 10.96 11.05
N TYR A 66 -8.90 12.11 11.73
N TYR A 66 -9.32 12.18 11.52
CA TYR A 66 -8.26 13.24 11.09
CA TYR A 66 -9.15 13.38 10.72
C TYR A 66 -6.76 13.06 11.27
C TYR A 66 -7.68 13.50 10.30
N ASN A 67 -5.98 13.47 10.27
N ASN A 67 -6.79 13.09 11.21
CA ASN A 67 -4.53 13.36 10.34
CA ASN A 67 -5.35 13.15 11.00
C ASN A 67 -4.13 11.92 10.62
C ASN A 67 -4.82 11.73 11.13
N MET A 68 -4.88 10.98 10.03
CA MET A 68 -4.57 9.56 10.12
C MET A 68 -3.10 9.33 9.77
N ARG A 69 -2.51 8.30 10.38
CA ARG A 69 -1.10 7.99 10.21
C ARG A 69 -0.95 6.59 9.63
N VAL A 70 -0.34 6.50 8.45
CA VAL A 70 -0.20 5.25 7.76
C VAL A 70 1.28 5.03 7.45
N ILE A 71 1.76 3.80 7.69
CA ILE A 71 3.14 3.45 7.39
C ILE A 71 3.12 2.20 6.49
N HIS A 72 3.98 2.22 5.47
CA HIS A 72 4.02 1.24 4.41
C HIS A 72 5.43 0.64 4.28
N PHE A 73 5.55 -0.66 4.60
CA PHE A 73 6.82 -1.36 4.54
C PHE A 73 6.96 -2.15 3.24
N GLY A 74 8.21 -2.29 2.78
CA GLY A 74 8.56 -2.99 1.57
C GLY A 74 7.93 -2.34 0.34
N ALA A 75 7.99 -1.00 0.28
CA ALA A 75 7.32 -0.21 -0.73
C ALA A 75 8.12 -0.01 -2.03
N GLY A 76 9.41 -0.34 -2.01
CA GLY A 76 10.24 -0.09 -3.20
C GLY A 76 10.13 -1.19 -4.25
N SER A 77 9.94 -0.80 -5.52
CA SER A 77 9.89 -1.75 -6.61
C SER A 77 11.31 -1.95 -7.17
N ASP A 78 11.44 -2.92 -8.08
CA ASP A 78 12.70 -3.23 -8.72
C ASP A 78 13.16 -2.06 -9.59
N LYS A 79 12.21 -1.29 -10.09
CA LYS A 79 12.50 -0.17 -10.99
C LYS A 79 12.74 1.13 -10.21
N GLY A 80 12.70 1.09 -8.88
CA GLY A 80 13.02 2.26 -8.08
C GLY A 80 11.86 3.24 -7.86
N VAL A 81 10.62 2.77 -8.01
CA VAL A 81 9.47 3.63 -7.75
C VAL A 81 8.60 2.94 -6.70
N ALA A 82 7.47 3.55 -6.34
CA ALA A 82 6.61 3.00 -5.29
C ALA A 82 5.15 3.00 -5.75
N PRO A 83 4.74 2.01 -6.56
CA PRO A 83 3.37 1.92 -7.07
C PRO A 83 2.34 1.78 -5.95
N GLY A 84 2.63 0.88 -5.01
CA GLY A 84 1.74 0.65 -3.87
C GLY A 84 1.48 1.93 -3.09
N THR A 85 2.55 2.71 -2.84
CA THR A 85 2.42 3.97 -2.12
C THR A 85 1.53 4.93 -2.91
N ALA A 86 1.69 4.96 -4.23
CA ALA A 86 0.84 5.82 -5.06
C ALA A 86 -0.63 5.45 -4.89
N VAL A 87 -0.94 4.15 -4.82
CA VAL A 87 -2.34 3.73 -4.65
C VAL A 87 -2.84 4.10 -3.26
N LEU A 88 -2.01 3.88 -2.24
CA LEU A 88 -2.39 4.22 -0.87
C LEU A 88 -2.72 5.70 -0.76
N ARG A 89 -1.89 6.57 -1.36
CA ARG A 89 -2.10 8.01 -1.25
C ARG A 89 -3.36 8.43 -2.00
N GLN A 90 -3.69 7.70 -3.08
CA GLN A 90 -4.92 7.93 -3.83
C GLN A 90 -6.12 7.59 -2.94
N TRP A 91 -6.03 6.44 -2.30
CA TRP A 91 -7.09 5.88 -1.48
C TRP A 91 -7.35 6.68 -0.20
N LEU A 92 -6.27 7.04 0.49
CA LEU A 92 -6.33 7.68 1.79
C LEU A 92 -6.87 9.11 1.68
N PRO A 93 -7.56 9.63 2.72
CA PRO A 93 -8.02 11.01 2.71
C PRO A 93 -6.84 11.95 2.50
N THR A 94 -7.07 13.02 1.75
CA THR A 94 -6.06 14.03 1.50
C THR A 94 -5.56 14.54 2.85
N GLY A 95 -4.24 14.72 2.95
CA GLY A 95 -3.66 15.21 4.20
C GLY A 95 -3.22 14.07 5.14
N THR A 96 -3.59 12.82 4.81
CA THR A 96 -3.17 11.69 5.61
C THR A 96 -1.65 11.59 5.59
N LEU A 97 -1.05 11.42 6.76
CA LEU A 97 0.39 11.25 6.85
C LEU A 97 0.73 9.85 6.35
N LEU A 98 1.57 9.77 5.31
CA LEU A 98 1.97 8.50 4.75
C LEU A 98 3.50 8.41 4.69
N VAL A 99 4.04 7.39 5.37
CA VAL A 99 5.46 7.13 5.42
C VAL A 99 5.70 5.77 4.80
N ASP A 100 6.68 5.66 3.91
CA ASP A 100 6.99 4.36 3.34
C ASP A 100 8.45 4.02 3.65
N SER A 101 8.82 2.79 3.32
CA SER A 101 10.08 2.22 3.73
C SER A 101 10.48 1.02 2.88
N ASP A 102 11.79 0.82 2.72
CA ASP A 102 12.33 -0.38 2.09
C ASP A 102 13.84 -0.40 2.33
N LEU A 103 14.45 -1.55 2.00
CA LEU A 103 15.88 -1.77 2.20
C LEU A 103 16.72 -0.95 1.23
N ASN A 104 16.21 -0.73 0.01
CA ASN A 104 16.94 -0.02 -1.04
C ASN A 104 16.22 1.28 -1.40
N ASP A 105 16.97 2.20 -2.03
N ASP A 105 16.97 2.20 -2.03
CA ASP A 105 16.49 3.51 -2.41
CA ASP A 105 16.47 3.52 -2.37
C ASP A 105 15.40 3.39 -3.48
C ASP A 105 15.43 3.41 -3.48
N PHE A 106 14.45 4.33 -3.45
CA PHE A 106 13.39 4.39 -4.44
C PHE A 106 12.74 5.77 -4.35
N VAL A 107 11.99 6.14 -5.39
CA VAL A 107 11.30 7.41 -5.48
C VAL A 107 9.84 7.20 -5.09
N SER A 108 9.32 8.04 -4.20
CA SER A 108 7.98 7.82 -3.66
C SER A 108 7.16 9.10 -3.55
N ASP A 109 5.84 8.91 -3.46
CA ASP A 109 4.87 9.96 -3.27
C ASP A 109 4.55 10.12 -1.79
N ALA A 110 5.20 9.31 -0.94
CA ALA A 110 4.96 9.39 0.50
C ALA A 110 5.48 10.71 1.05
N ASP A 111 4.92 11.12 2.20
CA ASP A 111 5.37 12.33 2.87
C ASP A 111 6.82 12.16 3.31
N SER A 112 7.21 10.92 3.61
CA SER A 112 8.58 10.66 4.03
C SER A 112 8.91 9.21 3.69
N THR A 113 10.15 8.97 3.27
CA THR A 113 10.65 7.66 2.84
C THR A 113 11.88 7.25 3.65
N LEU A 114 11.82 6.08 4.30
CA LEU A 114 12.92 5.56 5.10
C LEU A 114 13.61 4.40 4.36
N ILE A 115 14.93 4.52 4.17
CA ILE A 115 15.72 3.47 3.54
C ILE A 115 16.57 2.80 4.61
N GLY A 116 16.54 1.47 4.67
CA GLY A 116 17.32 0.69 5.62
C GLY A 116 16.46 -0.34 6.36
N ASP A 117 17.07 -1.19 7.18
N ASP A 117 17.11 -1.19 7.16
CA ASP A 117 16.29 -2.19 7.90
CA ASP A 117 16.43 -2.21 7.93
C ASP A 117 15.87 -1.63 9.26
C ASP A 117 15.74 -1.56 9.12
N CYS A 118 14.96 -2.37 9.91
N CYS A 118 14.93 -2.35 9.84
CA CYS A 118 14.33 -1.98 11.17
CA CYS A 118 14.14 -1.85 10.95
C CYS A 118 15.32 -1.45 12.19
C CYS A 118 15.01 -1.45 12.13
N ALA A 119 16.43 -2.18 12.38
N ALA A 119 16.21 -2.05 12.24
CA ALA A 119 17.41 -1.82 13.40
CA ALA A 119 17.10 -1.76 13.35
C ALA A 119 17.94 -0.39 13.22
C ALA A 119 17.65 -0.34 13.26
N THR A 120 17.73 0.20 12.04
CA THR A 120 18.27 1.54 11.79
C THR A 120 17.21 2.64 11.78
N VAL A 121 15.94 2.32 12.01
CA VAL A 121 14.90 3.34 11.99
C VAL A 121 14.10 3.25 13.30
N HIS A 122 13.63 4.40 13.78
CA HIS A 122 12.94 4.43 15.06
C HIS A 122 11.93 5.57 15.14
N THR A 123 10.84 5.33 15.87
CA THR A 123 9.85 6.35 16.15
C THR A 123 9.20 6.02 17.49
N ALA A 124 8.82 7.04 18.24
CA ALA A 124 8.11 6.87 19.49
C ALA A 124 6.60 7.00 19.23
N ASN A 125 6.24 7.46 18.02
CA ASN A 125 4.86 7.71 17.62
C ASN A 125 4.12 6.44 17.24
N LYS A 126 2.80 6.46 17.47
CA LYS A 126 1.92 5.36 17.13
C LYS A 126 1.26 5.63 15.79
N TRP A 127 0.79 4.54 15.16
CA TRP A 127 0.22 4.56 13.82
C TRP A 127 -1.19 3.98 13.81
N ASP A 128 -1.98 4.36 12.80
CA ASP A 128 -3.37 3.95 12.69
C ASP A 128 -3.54 2.81 11.70
N LEU A 129 -2.60 2.66 10.76
CA LEU A 129 -2.66 1.62 9.76
C LEU A 129 -1.26 1.27 9.28
N ILE A 130 -1.00 -0.03 9.20
CA ILE A 130 0.28 -0.57 8.76
C ILE A 130 0.03 -1.47 7.56
N ILE A 131 0.71 -1.17 6.45
CA ILE A 131 0.66 -1.97 5.24
C ILE A 131 2.07 -2.50 4.98
N SER A 132 2.18 -3.80 4.68
CA SER A 132 3.48 -4.39 4.38
C SER A 132 3.42 -5.23 3.12
N ASP A 133 4.38 -4.97 2.22
CA ASP A 133 4.59 -5.77 1.02
C ASP A 133 6.00 -6.35 1.10
N MET A 134 6.55 -6.36 2.32
CA MET A 134 7.91 -6.86 2.49
C MET A 134 7.92 -8.36 2.19
N TYR A 135 8.89 -8.76 1.38
CA TYR A 135 9.01 -10.13 0.91
C TYR A 135 10.42 -10.34 0.34
N ASP A 136 11.03 -11.45 0.73
CA ASP A 136 12.33 -11.81 0.21
C ASP A 136 12.17 -13.08 -0.63
N PRO A 137 12.34 -13.02 -1.97
CA PRO A 137 12.12 -14.18 -2.83
C PRO A 137 12.99 -15.40 -2.48
N LYS A 138 14.14 -15.15 -1.84
CA LYS A 138 15.05 -16.22 -1.42
C LYS A 138 14.49 -17.00 -0.24
N THR A 139 13.35 -16.59 0.34
CA THR A 139 12.79 -17.34 1.46
C THR A 139 12.19 -18.65 0.97
N LYS A 140 11.70 -18.66 -0.28
CA LYS A 140 11.12 -19.85 -0.84
C LYS A 140 12.23 -20.88 -1.11
N ASN A 141 12.10 -22.04 -0.47
CA ASN A 141 13.01 -23.16 -0.63
C ASN A 141 12.17 -24.41 -0.48
N VAL A 142 11.86 -25.06 -1.62
CA VAL A 142 11.02 -26.24 -1.65
C VAL A 142 11.81 -27.49 -1.26
N THR A 143 13.13 -27.37 -1.10
CA THR A 143 13.93 -28.54 -0.76
C THR A 143 14.10 -28.67 0.76
N LYS A 144 13.54 -27.72 1.51
CA LYS A 144 13.63 -27.77 2.97
C LYS A 144 12.24 -27.61 3.56
N GLU A 145 12.14 -27.86 4.87
CA GLU A 145 10.87 -27.77 5.54
C GLU A 145 10.45 -26.30 5.60
N ASN A 146 9.14 -26.08 5.43
CA ASN A 146 8.56 -24.75 5.44
C ASN A 146 8.22 -24.36 6.88
N ASP A 147 9.21 -23.79 7.59
N ASP A 147 9.19 -23.76 7.59
CA ASP A 147 9.03 -23.37 8.98
CA ASP A 147 8.99 -23.39 8.98
C ASP A 147 8.69 -21.89 9.05
C ASP A 147 8.70 -21.89 9.06
N SER A 148 8.23 -21.46 10.23
CA SER A 148 7.93 -20.05 10.49
C SER A 148 9.19 -19.24 10.23
N LYS A 149 9.04 -18.11 9.53
CA LYS A 149 10.19 -17.26 9.19
C LYS A 149 10.34 -16.21 10.30
N GLU A 150 11.58 -16.03 10.77
N GLU A 150 11.59 -16.01 10.75
CA GLU A 150 11.88 -15.11 11.87
CA GLU A 150 11.88 -15.11 11.85
C GLU A 150 12.94 -14.09 11.47
C GLU A 150 12.94 -14.09 11.47
N GLY A 151 12.58 -13.17 10.57
CA GLY A 151 13.47 -12.11 10.16
C GLY A 151 12.73 -10.78 10.30
N PHE A 152 12.30 -10.20 9.18
CA PHE A 152 11.55 -8.96 9.25
C PHE A 152 10.21 -9.19 9.95
N PHE A 153 9.71 -10.43 9.95
CA PHE A 153 8.43 -10.71 10.60
C PHE A 153 8.48 -10.47 12.10
N THR A 154 9.62 -10.74 12.75
CA THR A 154 9.70 -10.51 14.18
C THR A 154 9.59 -9.01 14.46
N TYR A 155 10.12 -8.21 13.53
N TYR A 155 10.18 -8.20 13.57
CA TYR A 155 10.14 -6.77 13.67
CA TYR A 155 10.14 -6.75 13.69
C TYR A 155 8.74 -6.21 13.39
C TYR A 155 8.72 -6.24 13.41
N ILE A 156 8.01 -6.86 12.47
CA ILE A 156 6.63 -6.48 12.19
C ILE A 156 5.79 -6.69 13.45
N CYS A 157 5.92 -7.87 14.07
CA CYS A 157 5.18 -8.19 15.29
C CYS A 157 5.53 -7.19 16.39
N GLY A 158 6.82 -6.89 16.56
CA GLY A 158 7.23 -5.92 17.56
C GLY A 158 6.62 -4.54 17.30
N PHE A 159 6.59 -4.14 16.04
CA PHE A 159 6.08 -2.83 15.67
C PHE A 159 4.59 -2.74 15.99
N ILE A 160 3.85 -3.82 15.69
CA ILE A 160 2.42 -3.84 15.97
C ILE A 160 2.17 -3.71 17.47
N GLN A 161 2.84 -4.54 18.27
CA GLN A 161 2.61 -4.56 19.70
C GLN A 161 3.09 -3.29 20.40
N GLN A 162 3.99 -2.53 19.78
CA GLN A 162 4.52 -1.34 20.42
C GLN A 162 4.02 -0.04 19.78
N LYS A 163 3.77 -0.04 18.46
CA LYS A 163 3.53 1.22 17.78
C LYS A 163 2.18 1.30 17.07
N LEU A 164 1.35 0.26 17.15
CA LEU A 164 0.04 0.36 16.53
C LEU A 164 -0.95 0.86 17.57
N ALA A 165 -1.72 1.91 17.20
CA ALA A 165 -2.71 2.48 18.09
C ALA A 165 -3.85 1.49 18.31
N LEU A 166 -4.42 1.46 19.53
CA LEU A 166 -5.59 0.63 19.73
C LEU A 166 -6.65 1.14 18.75
N GLY A 167 -7.33 0.21 18.07
CA GLY A 167 -8.31 0.56 17.05
C GLY A 167 -7.71 0.56 15.65
N GLY A 168 -6.37 0.52 15.56
CA GLY A 168 -5.65 0.51 14.29
C GLY A 168 -5.80 -0.84 13.58
N SER A 169 -5.35 -0.88 12.31
CA SER A 169 -5.47 -2.10 11.51
C SER A 169 -4.17 -2.36 10.76
N VAL A 170 -4.01 -3.59 10.26
CA VAL A 170 -2.83 -3.94 9.48
C VAL A 170 -3.24 -4.81 8.29
N ALA A 171 -2.38 -4.78 7.28
CA ALA A 171 -2.47 -5.65 6.10
C ALA A 171 -1.05 -6.02 5.74
N ILE A 172 -0.69 -7.28 6.07
CA ILE A 172 0.68 -7.77 5.94
C ILE A 172 0.72 -8.89 4.90
N LYS A 173 1.61 -8.75 3.93
CA LYS A 173 1.75 -9.70 2.86
C LYS A 173 2.47 -10.95 3.36
N ILE A 174 1.86 -12.11 3.08
CA ILE A 174 2.44 -13.43 3.35
C ILE A 174 2.33 -14.25 2.07
N THR A 175 3.04 -15.39 2.06
CA THR A 175 2.96 -16.36 0.98
C THR A 175 3.07 -17.75 1.61
N GLU A 176 3.07 -18.80 0.77
CA GLU A 176 3.25 -20.14 1.29
C GLU A 176 4.50 -20.20 2.19
N HIS A 177 5.63 -19.68 1.69
CA HIS A 177 6.89 -19.76 2.41
C HIS A 177 7.22 -18.51 3.23
N SER A 178 6.62 -17.36 2.90
CA SER A 178 6.90 -16.15 3.67
C SER A 178 5.81 -15.92 4.69
N TRP A 179 5.99 -16.45 5.90
CA TRP A 179 4.98 -16.37 6.94
C TRP A 179 5.65 -16.48 8.30
N ASN A 180 4.87 -16.20 9.36
CA ASN A 180 5.39 -16.21 10.71
C ASN A 180 4.26 -16.61 11.66
N ALA A 181 4.54 -17.58 12.54
CA ALA A 181 3.55 -18.10 13.47
C ALA A 181 3.07 -17.02 14.45
N ASP A 182 3.99 -16.18 14.95
CA ASP A 182 3.62 -15.15 15.92
C ASP A 182 2.69 -14.11 15.29
N LEU A 183 2.87 -13.83 13.99
CA LEU A 183 2.02 -12.86 13.33
C LEU A 183 0.58 -13.37 13.30
N TYR A 184 0.39 -14.66 12.96
CA TYR A 184 -0.97 -15.22 12.97
C TYR A 184 -1.56 -15.14 14.37
N LYS A 185 -0.75 -15.49 15.38
CA LYS A 185 -1.18 -15.43 16.77
C LYS A 185 -1.65 -14.02 17.11
N LEU A 186 -0.92 -13.02 16.63
N LEU A 186 -0.89 -13.00 16.67
CA LEU A 186 -1.22 -11.62 16.91
CA LEU A 186 -1.23 -11.60 16.92
C LEU A 186 -2.49 -11.17 16.20
C LEU A 186 -2.55 -11.23 16.27
N MET A 187 -2.96 -11.96 15.22
CA MET A 187 -4.21 -11.62 14.54
C MET A 187 -5.36 -11.74 15.55
N GLY A 188 -5.18 -12.59 16.58
CA GLY A 188 -6.17 -12.78 17.63
C GLY A 188 -6.25 -11.62 18.61
N HIS A 189 -5.36 -10.62 18.44
CA HIS A 189 -5.37 -9.40 19.25
C HIS A 189 -6.19 -8.30 18.56
N PHE A 190 -6.86 -8.64 17.45
CA PHE A 190 -7.70 -7.68 16.74
C PHE A 190 -9.17 -8.08 16.90
N ALA A 191 -10.09 -7.13 16.66
CA ALA A 191 -11.52 -7.43 16.76
C ALA A 191 -11.93 -8.47 15.72
N TRP A 192 -11.22 -8.45 14.59
CA TRP A 192 -11.50 -9.34 13.48
C TRP A 192 -10.24 -9.51 12.63
N TRP A 193 -10.12 -10.63 11.93
CA TRP A 193 -8.98 -10.81 11.05
C TRP A 193 -9.34 -11.74 9.90
N THR A 194 -8.52 -11.70 8.85
CA THR A 194 -8.66 -12.65 7.75
C THR A 194 -7.37 -12.68 6.94
N ALA A 195 -7.35 -13.62 6.00
CA ALA A 195 -6.30 -13.71 5.00
C ALA A 195 -7.01 -13.40 3.68
N PHE A 196 -6.59 -12.32 3.01
CA PHE A 196 -7.26 -11.84 1.81
C PHE A 196 -6.39 -12.05 0.58
N VAL A 197 -6.99 -12.65 -0.46
CA VAL A 197 -6.32 -12.90 -1.72
C VAL A 197 -6.91 -12.00 -2.81
N THR A 198 -6.06 -11.16 -3.45
CA THR A 198 -6.53 -10.31 -4.53
C THR A 198 -6.89 -11.19 -5.73
N ASN A 199 -7.94 -10.79 -6.44
CA ASN A 199 -8.38 -11.52 -7.62
C ASN A 199 -7.35 -11.44 -8.75
N VAL A 200 -6.58 -10.35 -8.85
CA VAL A 200 -5.59 -10.27 -9.91
C VAL A 200 -4.38 -11.16 -9.64
N ASN A 201 -4.15 -11.56 -8.38
CA ASN A 201 -2.96 -12.34 -8.10
C ASN A 201 -3.33 -13.70 -7.49
N ALA A 202 -4.52 -14.20 -7.83
CA ALA A 202 -5.08 -15.43 -7.27
C ALA A 202 -4.31 -16.69 -7.70
N SER A 203 -3.43 -16.58 -8.70
CA SER A 203 -2.61 -17.71 -9.11
C SER A 203 -1.38 -17.85 -8.19
N SER A 204 -1.21 -16.93 -7.24
CA SER A 204 -0.10 -16.96 -6.30
C SER A 204 -0.59 -17.35 -4.90
N SER A 205 0.33 -17.91 -4.09
CA SER A 205 0.03 -18.28 -2.70
C SER A 205 0.00 -17.03 -1.80
N GLU A 206 0.29 -15.88 -2.41
CA GLU A 206 0.27 -14.61 -1.70
C GLU A 206 -1.11 -14.34 -1.10
N ALA A 207 -1.09 -13.69 0.06
CA ALA A 207 -2.27 -13.19 0.71
C ALA A 207 -1.86 -12.04 1.62
N PHE A 208 -2.84 -11.23 1.99
CA PHE A 208 -2.65 -10.19 2.97
C PHE A 208 -3.32 -10.62 4.26
N LEU A 209 -2.53 -10.79 5.33
CA LEU A 209 -3.08 -11.01 6.65
C LEU A 209 -3.58 -9.66 7.15
N ILE A 210 -4.90 -9.58 7.34
CA ILE A 210 -5.54 -8.35 7.74
C ILE A 210 -6.07 -8.49 9.16
N GLY A 211 -5.58 -7.61 10.03
CA GLY A 211 -6.05 -7.46 11.40
C GLY A 211 -6.84 -6.16 11.49
N CYS A 212 -8.12 -6.25 11.84
CA CYS A 212 -8.96 -5.08 11.86
C CYS A 212 -9.34 -4.70 13.29
N ASN A 213 -8.92 -3.50 13.70
CA ASN A 213 -9.20 -2.89 15.00
C ASN A 213 -8.42 -3.60 16.12
N TYR A 214 -7.21 -3.09 16.39
CA TYR A 214 -6.29 -3.65 17.38
C TYR A 214 -6.80 -3.43 18.80
N LEU A 215 -6.81 -4.50 19.60
CA LEU A 215 -7.34 -4.44 20.96
C LEU A 215 -6.22 -4.45 22.00
N GLY A 216 -4.99 -4.76 21.58
CA GLY A 216 -3.84 -4.74 22.47
C GLY A 216 -3.78 -5.93 23.42
N LYS A 217 -4.65 -6.93 23.20
CA LYS A 217 -4.72 -8.09 24.06
C LYS A 217 -5.37 -9.21 23.26
N PRO A 218 -5.10 -10.50 23.58
CA PRO A 218 -5.69 -11.60 22.84
C PRO A 218 -7.19 -11.75 23.10
N ARG A 219 -7.99 -11.49 22.07
CA ARG A 219 -9.43 -11.70 22.11
C ARG A 219 -9.65 -13.21 21.93
N GLU A 220 -8.82 -13.83 21.09
CA GLU A 220 -8.86 -15.28 20.88
C GLU A 220 -7.44 -15.82 20.76
N GLN A 221 -7.26 -17.07 21.17
N GLN A 221 -7.25 -17.08 21.17
CA GLN A 221 -5.97 -17.75 21.11
CA GLN A 221 -5.94 -17.71 21.11
C GLN A 221 -5.83 -18.43 19.76
C GLN A 221 -5.81 -18.43 19.77
N ILE A 222 -4.80 -18.04 19.00
CA ILE A 222 -4.54 -18.62 17.69
C ILE A 222 -3.15 -19.25 17.67
N ASP A 223 -3.08 -20.50 17.21
CA ASP A 223 -1.84 -21.22 17.00
C ASP A 223 -1.43 -20.94 15.56
N GLY A 224 -0.35 -20.17 15.40
CA GLY A 224 0.12 -19.72 14.09
C GLY A 224 0.53 -20.83 13.15
N TYR A 225 1.10 -21.93 13.68
CA TYR A 225 1.51 -23.05 12.87
C TYR A 225 0.27 -23.68 12.23
N VAL A 226 -0.75 -23.88 13.06
CA VAL A 226 -2.00 -24.47 12.59
C VAL A 226 -2.68 -23.52 11.61
N MET A 227 -2.69 -22.22 11.91
CA MET A 227 -3.49 -21.32 11.09
C MET A 227 -2.83 -21.19 9.71
N HIS A 228 -1.50 -21.25 9.63
CA HIS A 228 -0.91 -21.16 8.31
C HIS A 228 -1.27 -22.43 7.51
N ALA A 229 -1.28 -23.57 8.20
CA ALA A 229 -1.68 -24.82 7.57
C ALA A 229 -3.12 -24.72 7.06
N ASN A 230 -3.98 -24.10 7.88
CA ASN A 230 -5.38 -23.88 7.53
C ASN A 230 -5.47 -22.99 6.28
N TYR A 231 -4.62 -21.97 6.22
CA TYR A 231 -4.59 -21.06 5.08
C TYR A 231 -4.23 -21.82 3.81
N ILE A 232 -3.19 -22.65 3.86
CA ILE A 232 -2.76 -23.42 2.70
C ILE A 232 -3.84 -24.42 2.30
N PHE A 233 -4.47 -25.06 3.29
CA PHE A 233 -5.54 -26.01 3.00
C PHE A 233 -6.65 -25.31 2.20
N TRP A 234 -7.03 -24.09 2.63
CA TRP A 234 -8.03 -23.30 1.93
C TRP A 234 -7.60 -23.03 0.49
N ARG A 235 -6.37 -22.52 0.31
CA ARG A 235 -5.86 -22.20 -1.02
C ARG A 235 -5.83 -23.43 -1.92
N ASN A 236 -5.42 -24.58 -1.36
CA ASN A 236 -5.26 -25.82 -2.12
C ASN A 236 -6.58 -26.43 -2.56
N THR A 237 -7.66 -26.16 -1.82
CA THR A 237 -8.93 -26.79 -2.13
C THR A 237 -9.93 -25.81 -2.73
N ASN A 238 -9.55 -24.53 -2.84
CA ASN A 238 -10.47 -23.53 -3.38
C ASN A 238 -9.81 -22.72 -4.48
N PRO A 239 -9.86 -23.19 -5.73
CA PRO A 239 -9.33 -22.41 -6.86
C PRO A 239 -10.06 -21.08 -6.91
N ILE A 240 -9.30 -19.99 -7.03
CA ILE A 240 -9.86 -18.68 -7.18
C ILE A 240 -9.62 -18.25 -8.63
N GLN A 241 -10.71 -17.89 -9.32
CA GLN A 241 -10.63 -17.43 -10.70
C GLN A 241 -9.94 -16.06 -10.74
N LEU A 242 -8.87 -15.97 -11.54
CA LEU A 242 -8.18 -14.71 -11.78
C LEU A 242 -9.18 -13.70 -12.36
N SER A 243 -9.18 -12.49 -11.81
CA SER A 243 -10.11 -11.49 -12.27
C SER A 243 -9.60 -10.07 -11.98
N SER A 244 -9.80 -9.19 -12.96
CA SER A 244 -9.46 -7.78 -12.82
C SER A 244 -10.75 -6.95 -12.92
N TYR A 245 -11.90 -7.62 -12.88
CA TYR A 245 -13.20 -6.95 -13.05
C TYR A 245 -13.36 -5.74 -12.13
N SER A 246 -12.99 -5.84 -10.85
CA SER A 246 -13.24 -4.76 -9.89
C SER A 246 -12.43 -3.50 -10.22
N LEU A 247 -11.35 -3.66 -11.01
CA LEU A 247 -10.47 -2.55 -11.37
C LEU A 247 -11.17 -1.55 -12.30
N PHE A 248 -12.24 -1.97 -12.95
CA PHE A 248 -12.88 -1.09 -13.93
C PHE A 248 -13.94 -0.17 -13.33
N ASP A 249 -14.21 -0.30 -12.02
CA ASP A 249 -15.17 0.58 -11.36
C ASP A 249 -14.50 1.16 -10.12
N MET A 250 -14.04 2.42 -10.27
CA MET A 250 -13.28 3.13 -9.25
C MET A 250 -14.12 4.25 -8.63
N SER A 251 -15.43 4.27 -8.93
CA SER A 251 -16.27 5.36 -8.46
C SER A 251 -16.38 5.42 -6.94
N LYS A 252 -16.27 4.27 -6.24
CA LYS A 252 -16.40 4.28 -4.78
C LYS A 252 -15.06 3.97 -4.12
N PHE A 253 -13.95 4.23 -4.83
CA PHE A 253 -12.65 3.83 -4.34
C PHE A 253 -12.18 4.57 -3.08
N PRO A 254 -12.24 5.92 -3.00
CA PRO A 254 -11.66 6.63 -1.85
C PRO A 254 -12.14 6.16 -0.48
N LEU A 255 -11.21 6.01 0.46
CA LEU A 255 -11.58 5.62 1.81
C LEU A 255 -12.45 6.74 2.39
N LYS A 256 -13.64 6.38 2.89
CA LYS A 256 -14.54 7.40 3.43
C LYS A 256 -13.98 7.98 4.71
N LEU A 257 -14.02 9.32 4.79
CA LEU A 257 -13.58 10.00 6.00
C LEU A 257 -14.63 9.75 7.08
N ARG A 258 -14.19 9.25 8.22
CA ARG A 258 -15.12 8.96 9.31
C ARG A 258 -14.89 9.95 10.45
N GLY A 259 -13.74 10.63 10.45
CA GLY A 259 -13.43 11.56 11.52
C GLY A 259 -13.42 10.83 12.87
N THR A 260 -12.84 9.63 12.87
CA THR A 260 -12.82 8.78 14.06
C THR A 260 -12.10 9.50 15.20
N ALA A 261 -12.68 9.40 16.40
CA ALA A 261 -12.13 10.05 17.58
C ALA A 261 -10.80 9.40 18.00
N VAL A 262 -9.84 10.26 18.33
CA VAL A 262 -8.55 9.86 18.84
C VAL A 262 -8.49 10.33 20.30
N MET A 263 -8.02 9.47 21.21
CA MET A 263 -7.84 9.91 22.58
C MET A 263 -6.76 9.08 23.25
N SER A 264 -6.15 9.65 24.29
N SER A 264 -6.16 9.66 24.29
CA SER A 264 -5.12 8.98 25.05
CA SER A 264 -5.14 9.01 25.09
C SER A 264 -5.74 8.49 26.36
C SER A 264 -5.76 8.49 26.37
N LEU A 265 -5.91 7.17 26.47
CA LEU A 265 -6.50 6.55 27.65
C LEU A 265 -5.44 5.69 28.35
N LYS A 266 -5.43 5.75 29.69
CA LYS A 266 -4.54 4.95 30.50
C LYS A 266 -4.99 3.49 30.36
N GLU A 267 -4.05 2.55 30.52
CA GLU A 267 -4.36 1.13 30.37
C GLU A 267 -5.47 0.69 31.32
N GLY A 268 -5.54 1.33 32.49
CA GLY A 268 -6.56 0.99 33.48
C GLY A 268 -7.92 1.61 33.15
N GLN A 269 -7.98 2.41 32.08
CA GLN A 269 -9.20 3.09 31.66
C GLN A 269 -9.85 2.33 30.50
N ILE A 270 -9.09 1.43 29.87
CA ILE A 270 -9.58 0.65 28.75
C ILE A 270 -10.50 -0.44 29.28
N ASN A 271 -11.80 -0.11 29.33
CA ASN A 271 -12.82 -1.01 29.85
C ASN A 271 -13.50 -1.73 28.69
N ASP A 272 -14.60 -2.44 28.99
CA ASP A 272 -15.33 -3.22 28.01
C ASP A 272 -16.09 -2.33 27.02
N MET A 273 -16.46 -1.11 27.43
CA MET A 273 -17.22 -0.25 26.54
C MET A 273 -16.24 0.45 25.59
N ILE A 274 -15.00 0.66 26.04
CA ILE A 274 -13.96 1.21 25.17
C ILE A 274 -13.64 0.16 24.09
N LEU A 275 -13.46 -1.09 24.53
CA LEU A 275 -13.20 -2.21 23.64
C LEU A 275 -14.30 -2.31 22.59
N SER A 276 -15.54 -2.04 23.00
CA SER A 276 -16.67 -2.09 22.11
C SER A 276 -16.51 -1.05 21.00
N LEU A 277 -16.07 0.17 21.38
CA LEU A 277 -15.87 1.25 20.43
C LEU A 277 -14.72 0.91 19.47
N LEU A 278 -13.62 0.40 20.03
CA LEU A 278 -12.46 0.01 19.25
C LEU A 278 -12.88 -1.02 18.20
N SER A 279 -13.69 -2.01 18.63
CA SER A 279 -14.10 -3.13 17.80
C SER A 279 -14.99 -2.73 16.62
N LYS A 280 -15.65 -1.56 16.73
CA LYS A 280 -16.54 -1.07 15.69
C LYS A 280 -15.85 -0.04 14.81
N GLY A 281 -14.56 0.19 15.04
CA GLY A 281 -13.82 1.17 14.26
C GLY A 281 -14.25 2.60 14.61
N ARG A 282 -14.73 2.82 15.84
CA ARG A 282 -15.18 4.14 16.23
C ARG A 282 -14.22 4.84 17.18
N LEU A 283 -13.02 4.28 17.40
CA LEU A 283 -12.10 4.91 18.32
C LEU A 283 -10.67 4.48 18.06
N ILE A 284 -9.77 5.45 18.20
CA ILE A 284 -8.34 5.26 18.12
C ILE A 284 -7.74 5.72 19.45
N ILE A 285 -6.87 4.90 20.03
CA ILE A 285 -6.22 5.28 21.26
C ILE A 285 -4.71 5.39 21.01
N ARG A 286 -4.23 6.62 21.14
CA ARG A 286 -2.83 7.00 21.03
C ARG A 286 -2.72 8.49 21.34
N GLU A 287 -1.49 8.96 21.57
CA GLU A 287 -1.29 10.39 21.73
C GLU A 287 -1.26 10.99 20.33
N ASN A 288 -1.23 12.32 20.25
N ASN A 288 -1.26 12.32 20.27
CA ASN A 288 -1.24 12.99 18.96
CA ASN A 288 -1.27 13.05 19.00
C ASN A 288 -0.14 14.05 18.95
C ASN A 288 -0.14 14.08 18.99
N ASN A 289 1.09 13.61 19.24
CA ASN A 289 2.25 14.48 19.24
C ASN A 289 2.80 14.59 17.82
N ARG A 290 3.68 15.56 17.61
CA ARG A 290 4.35 15.75 16.33
C ARG A 290 5.03 14.43 15.96
N VAL A 291 4.92 14.05 14.69
CA VAL A 291 5.47 12.78 14.26
C VAL A 291 6.93 12.96 13.88
N VAL A 292 7.78 12.23 14.60
CA VAL A 292 9.22 12.28 14.40
C VAL A 292 9.72 10.87 14.13
N ILE A 293 10.46 10.71 13.04
CA ILE A 293 11.09 9.46 12.67
C ILE A 293 12.60 9.66 12.66
N SER A 294 13.32 8.72 13.29
CA SER A 294 14.77 8.78 13.41
C SER A 294 15.40 7.73 12.49
N SER A 295 16.58 8.07 11.98
CA SER A 295 17.32 7.19 11.09
C SER A 295 18.78 7.11 11.57
N ASP A 296 19.21 5.90 11.96
CA ASP A 296 20.55 5.64 12.48
C ASP A 296 21.57 5.47 11.36
N VAL A 297 22.79 5.95 11.63
CA VAL A 297 23.88 5.84 10.68
C VAL A 297 25.10 5.30 11.42
N LEU A 298 25.61 4.15 10.95
CA LEU A 298 26.83 3.59 11.52
C LEU A 298 27.98 4.41 10.97
N VAL A 299 28.78 4.98 11.87
CA VAL A 299 29.88 5.84 11.49
C VAL A 299 31.18 5.06 11.68
N ASN A 300 32.06 5.14 10.67
CA ASN A 300 33.34 4.45 10.73
C ASN A 300 34.28 5.09 9.71
N ASN A 301 35.57 5.06 10.03
CA ASN A 301 36.59 5.56 9.14
C ASN A 301 37.25 4.35 8.47
N ALA B 26 17.75 19.39 -16.83
CA ALA B 26 16.42 19.92 -17.21
C ALA B 26 15.99 19.31 -18.54
N ALA B 27 14.95 19.90 -19.15
CA ALA B 27 14.46 19.45 -20.43
C ALA B 27 15.61 19.44 -21.44
N LYS B 28 16.40 20.52 -21.41
CA LYS B 28 17.55 20.70 -22.28
C LYS B 28 18.13 19.38 -22.75
N ALA B 29 18.62 18.56 -21.80
CA ALA B 29 19.29 17.31 -22.14
C ALA B 29 18.29 16.21 -22.52
N TYR B 30 17.12 16.18 -21.86
CA TYR B 30 16.14 15.14 -22.12
C TYR B 30 15.57 15.29 -23.53
N LYS B 31 15.28 16.53 -23.94
CA LYS B 31 14.72 16.80 -25.26
C LYS B 31 15.70 16.33 -26.33
N ASP B 32 16.99 16.60 -26.12
CA ASP B 32 18.04 16.19 -27.05
C ASP B 32 18.16 14.67 -27.05
N TYR B 33 17.94 14.05 -25.89
CA TYR B 33 18.00 12.60 -25.75
C TYR B 33 16.91 11.96 -26.59
N LEU B 34 15.71 12.58 -26.58
CA LEU B 34 14.58 12.10 -27.35
C LEU B 34 14.75 12.46 -28.82
N ALA B 35 15.31 13.66 -29.08
CA ALA B 35 15.54 14.14 -30.44
C ALA B 35 16.47 13.18 -31.18
N SER B 36 17.55 12.78 -30.52
CA SER B 36 18.51 11.85 -31.11
C SER B 36 17.84 10.50 -31.37
N GLY B 37 16.93 10.10 -30.46
CA GLY B 37 16.20 8.85 -30.59
C GLY B 37 16.33 7.97 -29.34
N GLY B 38 16.47 8.61 -28.18
CA GLY B 38 16.62 7.88 -26.93
C GLY B 38 15.28 7.31 -26.45
N GLN B 39 15.36 6.36 -25.52
CA GLN B 39 14.18 5.71 -24.96
C GLN B 39 13.56 6.61 -23.90
N PRO B 40 12.24 6.93 -23.99
CA PRO B 40 11.58 7.74 -22.97
C PRO B 40 11.57 7.00 -21.63
N ILE B 41 11.74 7.76 -20.53
CA ILE B 41 11.74 7.17 -19.19
C ILE B 41 10.45 6.37 -19.02
N THR B 42 10.60 5.12 -18.55
CA THR B 42 9.49 4.22 -18.36
C THR B 42 9.26 3.98 -16.87
N ASN B 43 8.28 3.12 -16.58
CA ASN B 43 7.96 2.74 -15.21
C ASN B 43 7.29 3.89 -14.46
N CYS B 44 6.73 4.84 -15.21
CA CYS B 44 5.91 5.86 -14.57
C CYS B 44 4.67 5.13 -14.06
N VAL B 45 4.25 5.42 -12.82
CA VAL B 45 3.17 4.69 -12.20
C VAL B 45 1.81 5.19 -12.67
N LYS B 46 1.14 4.40 -13.52
CA LYS B 46 -0.18 4.78 -14.02
C LYS B 46 -1.22 4.26 -13.04
N MET B 47 -2.19 5.12 -12.72
CA MET B 47 -3.18 4.82 -11.71
C MET B 47 -4.49 4.37 -12.35
N LEU B 48 -5.27 3.58 -11.60
CA LEU B 48 -6.62 3.26 -11.98
C LEU B 48 -7.50 4.43 -11.50
N CYS B 49 -8.41 4.86 -12.36
CA CYS B 49 -9.34 5.93 -12.04
C CYS B 49 -10.56 5.82 -12.95
N THR B 50 -11.57 6.66 -12.67
CA THR B 50 -12.84 6.65 -13.38
C THR B 50 -12.74 7.25 -14.78
N HIS B 51 -11.77 8.15 -14.98
CA HIS B 51 -11.60 8.90 -16.22
C HIS B 51 -12.80 9.81 -16.46
N THR B 52 -13.37 10.32 -15.35
CA THR B 52 -14.45 11.29 -15.38
C THR B 52 -14.04 12.47 -14.49
N GLY B 53 -12.74 12.72 -14.37
CA GLY B 53 -12.22 13.78 -13.51
C GLY B 53 -12.24 15.15 -14.18
N THR B 54 -11.81 16.17 -13.43
CA THR B 54 -11.80 17.57 -13.88
C THR B 54 -10.89 17.74 -15.09
N GLY B 55 -9.83 16.95 -15.17
CA GLY B 55 -8.90 17.05 -16.28
C GLY B 55 -7.76 18.06 -16.02
N GLN B 56 -7.69 18.61 -14.79
CA GLN B 56 -6.61 19.51 -14.44
C GLN B 56 -5.28 18.75 -14.50
N ALA B 57 -4.19 19.49 -14.70
CA ALA B 57 -2.84 18.96 -14.91
C ALA B 57 -2.29 18.22 -13.68
N ILE B 58 -2.22 18.90 -12.53
CA ILE B 58 -1.64 18.32 -11.32
C ILE B 58 -2.65 18.47 -10.19
N THR B 59 -3.01 17.33 -9.57
CA THR B 59 -4.08 17.30 -8.58
C THR B 59 -3.71 16.43 -7.38
N VAL B 60 -4.45 16.58 -6.27
CA VAL B 60 -4.18 15.86 -5.03
C VAL B 60 -4.62 14.40 -5.16
N THR B 61 -5.45 14.12 -6.16
CA THR B 61 -5.94 12.78 -6.43
C THR B 61 -6.10 12.68 -7.95
N PRO B 62 -6.12 11.47 -8.56
CA PRO B 62 -6.29 11.34 -10.00
C PRO B 62 -7.54 12.06 -10.50
N GLU B 63 -7.37 12.86 -11.55
CA GLU B 63 -8.44 13.67 -12.13
C GLU B 63 -8.45 13.54 -13.65
N ALA B 64 -7.96 12.40 -14.17
CA ALA B 64 -7.96 12.18 -15.61
C ALA B 64 -9.39 12.22 -16.15
N ASN B 65 -9.56 12.86 -17.32
CA ASN B 65 -10.84 12.87 -18.01
C ASN B 65 -10.81 11.70 -19.00
N MET B 66 -11.78 11.64 -19.93
N MET B 66 -11.79 11.67 -19.91
CA MET B 66 -11.87 10.51 -20.85
CA MET B 66 -11.92 10.59 -20.89
C MET B 66 -10.71 10.52 -21.86
C MET B 66 -10.69 10.52 -21.79
N ASP B 67 -9.99 11.64 -21.96
CA ASP B 67 -8.88 11.72 -22.89
C ASP B 67 -7.53 11.78 -22.18
N GLN B 68 -7.48 11.37 -20.90
CA GLN B 68 -6.24 11.44 -20.15
C GLN B 68 -6.00 10.18 -19.33
N GLU B 69 -4.74 10.05 -18.89
CA GLU B 69 -4.27 9.04 -17.97
C GLU B 69 -3.72 9.80 -16.76
N SER B 70 -3.81 9.20 -15.57
CA SER B 70 -3.27 9.80 -14.37
C SER B 70 -2.07 8.98 -13.91
N PHE B 71 -1.00 9.66 -13.51
CA PHE B 71 0.19 8.98 -13.03
C PHE B 71 0.61 9.53 -11.68
N GLY B 72 1.22 8.67 -10.86
CA GLY B 72 1.80 9.12 -9.61
C GLY B 72 2.88 10.15 -9.94
N GLY B 73 2.82 11.29 -9.27
CA GLY B 73 3.66 12.44 -9.59
C GLY B 73 5.16 12.20 -9.52
N ALA B 74 5.64 11.66 -8.41
CA ALA B 74 7.07 11.46 -8.21
C ALA B 74 7.69 10.65 -9.35
N SER B 75 6.97 9.63 -9.84
CA SER B 75 7.50 8.76 -10.89
C SER B 75 7.59 9.47 -12.25
N CYS B 76 6.94 10.64 -12.37
CA CYS B 76 6.95 11.40 -13.61
C CYS B 76 7.85 12.63 -13.53
N CYS B 77 8.58 12.75 -12.41
CA CYS B 77 9.44 13.91 -12.18
C CYS B 77 10.90 13.57 -12.45
N LEU B 78 11.48 14.23 -13.45
CA LEU B 78 12.86 13.99 -13.86
C LEU B 78 13.82 14.18 -12.68
N TYR B 79 13.55 15.18 -11.85
CA TYR B 79 14.40 15.52 -10.72
C TYR B 79 14.36 14.42 -9.67
N CYS B 80 13.15 13.95 -9.31
CA CYS B 80 13.01 12.87 -8.36
C CYS B 80 13.65 11.58 -8.89
N ARG B 81 13.34 11.25 -10.15
CA ARG B 81 13.83 10.03 -10.78
C ARG B 81 15.35 9.99 -10.86
N CYS B 82 15.97 11.12 -11.23
CA CYS B 82 17.42 11.19 -11.38
C CYS B 82 18.13 11.49 -10.06
N HIS B 83 17.36 11.72 -8.99
CA HIS B 83 17.91 11.99 -7.66
C HIS B 83 18.75 13.28 -7.66
N ILE B 84 18.33 14.26 -8.47
CA ILE B 84 19.03 15.53 -8.54
C ILE B 84 18.13 16.61 -7.95
N ASP B 85 18.74 17.73 -7.56
CA ASP B 85 18.03 18.84 -6.94
C ASP B 85 16.98 19.38 -7.90
N HIS B 86 15.93 19.99 -7.35
CA HIS B 86 14.85 20.55 -8.13
C HIS B 86 15.14 22.02 -8.44
N PRO B 87 14.76 22.52 -9.64
CA PRO B 87 15.01 23.91 -10.03
C PRO B 87 14.09 24.87 -9.29
N ASN B 88 14.41 25.13 -8.03
CA ASN B 88 13.62 25.99 -7.18
C ASN B 88 14.46 26.37 -5.96
N PRO B 89 14.61 27.68 -5.62
CA PRO B 89 15.39 28.09 -4.46
C PRO B 89 15.14 27.26 -3.20
N LYS B 90 13.87 26.87 -2.98
CA LYS B 90 13.49 26.08 -1.83
C LYS B 90 13.62 24.59 -2.13
N GLY B 91 13.66 24.25 -3.42
CA GLY B 91 13.79 22.86 -3.83
C GLY B 91 12.47 22.11 -3.69
N PHE B 92 11.36 22.80 -3.99
CA PHE B 92 10.03 22.23 -3.90
C PHE B 92 9.69 21.49 -5.19
N CYS B 93 9.10 20.29 -5.03
CA CYS B 93 8.63 19.49 -6.15
C CYS B 93 7.13 19.66 -6.25
N ASP B 94 6.63 20.03 -7.44
CA ASP B 94 5.21 20.24 -7.63
C ASP B 94 4.52 18.94 -8.07
N LEU B 95 5.28 17.84 -8.22
CA LEU B 95 4.71 16.57 -8.66
C LEU B 95 4.64 15.54 -7.54
N LYS B 96 5.73 15.40 -6.76
N LYS B 96 5.73 15.40 -6.77
CA LYS B 96 5.82 14.43 -5.67
CA LYS B 96 5.80 14.45 -5.67
C LYS B 96 4.62 14.56 -4.73
C LYS B 96 4.59 14.58 -4.75
N GLY B 97 3.92 13.45 -4.50
CA GLY B 97 2.77 13.41 -3.60
C GLY B 97 1.46 13.81 -4.27
N LYS B 98 1.51 14.12 -5.58
CA LYS B 98 0.34 14.52 -6.35
C LYS B 98 0.16 13.55 -7.51
N TYR B 99 -0.82 13.85 -8.38
CA TYR B 99 -1.07 13.05 -9.57
C TYR B 99 -1.04 13.97 -10.78
N VAL B 100 -0.39 13.50 -11.86
CA VAL B 100 -0.30 14.30 -13.06
C VAL B 100 -1.13 13.65 -14.16
N GLN B 101 -1.98 14.46 -14.79
CA GLN B 101 -2.82 14.02 -15.89
C GLN B 101 -2.06 14.25 -17.20
N ILE B 102 -1.98 13.21 -18.03
CA ILE B 102 -1.27 13.26 -19.29
C ILE B 102 -2.24 12.87 -20.40
N PRO B 103 -2.32 13.63 -21.52
CA PRO B 103 -3.18 13.23 -22.64
C PRO B 103 -2.81 11.79 -23.00
N THR B 104 -3.85 10.97 -23.26
CA THR B 104 -3.65 9.57 -23.58
C THR B 104 -2.70 9.41 -24.76
N THR B 105 -2.74 10.37 -25.70
CA THR B 105 -1.89 10.34 -26.88
C THR B 105 -0.40 10.52 -26.54
N CYS B 106 -0.11 11.07 -25.34
N CYS B 106 -0.13 11.08 -25.34
CA CYS B 106 1.27 11.31 -24.94
CA CYS B 106 1.23 11.36 -24.90
C CYS B 106 1.65 10.50 -23.71
C CYS B 106 1.60 10.57 -23.66
N ALA B 107 0.79 9.56 -23.31
CA ALA B 107 0.99 8.77 -22.10
C ALA B 107 2.23 7.87 -22.19
N ASN B 108 2.76 7.65 -23.40
CA ASN B 108 3.95 6.82 -23.56
C ASN B 108 5.20 7.53 -23.03
N ASP B 109 5.11 8.82 -22.67
CA ASP B 109 6.28 9.54 -22.18
C ASP B 109 5.83 10.66 -21.24
N PRO B 110 5.38 10.35 -20.00
CA PRO B 110 4.92 11.38 -19.07
C PRO B 110 5.98 12.40 -18.65
N VAL B 111 7.22 11.93 -18.44
CA VAL B 111 8.29 12.80 -18.00
C VAL B 111 8.51 13.89 -19.06
N GLY B 112 8.61 13.47 -20.32
CA GLY B 112 8.82 14.39 -21.41
C GLY B 112 7.68 15.40 -21.53
N PHE B 113 6.44 14.91 -21.45
CA PHE B 113 5.29 15.78 -21.59
C PHE B 113 5.30 16.88 -20.52
N THR B 114 5.54 16.50 -19.26
CA THR B 114 5.52 17.45 -18.16
C THR B 114 6.63 18.50 -18.35
N LEU B 115 7.80 18.07 -18.80
CA LEU B 115 8.90 19.00 -19.02
C LEU B 115 8.51 20.04 -20.07
N LYS B 116 8.16 19.55 -21.26
CA LYS B 116 7.85 20.39 -22.41
C LYS B 116 6.68 21.33 -22.17
N ASN B 117 5.61 20.85 -21.51
CA ASN B 117 4.42 21.66 -21.34
C ASN B 117 4.45 22.41 -20.01
N THR B 118 3.54 23.40 -19.89
CA THR B 118 3.39 24.22 -18.70
C THR B 118 1.92 24.30 -18.33
N VAL B 119 1.65 24.39 -17.02
CA VAL B 119 0.30 24.42 -16.48
C VAL B 119 -0.21 25.86 -16.41
N CYS B 120 -1.50 26.03 -16.73
CA CYS B 120 -2.15 27.34 -16.70
C CYS B 120 -2.42 27.73 -15.24
N THR B 121 -1.92 28.91 -14.85
CA THR B 121 -2.05 29.41 -13.48
C THR B 121 -3.47 29.89 -13.21
N VAL B 122 -4.32 29.94 -14.25
CA VAL B 122 -5.69 30.39 -14.08
C VAL B 122 -6.60 29.20 -13.82
N CYS B 123 -6.73 28.30 -14.81
CA CYS B 123 -7.65 27.17 -14.71
C CYS B 123 -6.96 25.89 -14.26
N GLY B 124 -5.63 25.89 -14.16
CA GLY B 124 -4.89 24.71 -13.72
C GLY B 124 -4.88 23.59 -14.75
N MET B 125 -5.03 23.95 -16.04
CA MET B 125 -5.06 23.00 -17.14
C MET B 125 -3.74 23.16 -17.90
N TRP B 126 -3.36 22.14 -18.68
CA TRP B 126 -2.16 22.24 -19.52
C TRP B 126 -2.43 23.22 -20.67
N LYS B 127 -1.42 24.03 -21.03
CA LYS B 127 -1.58 24.91 -22.20
C LYS B 127 -1.64 24.05 -23.46
N GLY B 128 -2.67 24.29 -24.28
CA GLY B 128 -2.87 23.57 -25.53
C GLY B 128 -3.34 22.14 -25.33
N TYR B 129 -3.81 21.84 -24.12
CA TYR B 129 -4.28 20.51 -23.75
C TYR B 129 -5.33 20.62 -22.65
N GLY B 130 -6.27 21.56 -22.81
CA GLY B 130 -7.33 21.75 -21.82
C GLY B 130 -7.61 23.21 -21.55
N CYS B 131 -6.56 24.03 -21.39
CA CYS B 131 -6.72 25.44 -21.12
C CYS B 131 -7.33 26.14 -22.32
N SER B 132 -8.42 26.87 -22.07
CA SER B 132 -9.13 27.61 -23.10
C SER B 132 -9.36 29.05 -22.64
N CYS B 133 -8.40 29.59 -21.88
CA CYS B 133 -8.49 30.95 -21.37
C CYS B 133 -8.25 31.96 -22.48
N ASP B 134 -7.76 31.51 -23.64
CA ASP B 134 -7.50 32.39 -24.76
C ASP B 134 -8.58 32.21 -25.82
N GLN B 135 -9.81 32.58 -25.48
CA GLN B 135 -10.95 32.49 -26.39
C GLN B 135 -11.92 33.65 -26.10
NA NA C . -6.28 10.31 -1.65
C1 XDU D . 10.43 1.91 14.30
N1 XDU D . 10.46 0.80 13.53
O1 XDU D . 10.63 1.81 15.63
C2 XDU D . 10.29 0.92 12.19
N2 XDU D . 10.20 3.13 13.77
C3 XDU D . 10.26 -0.19 11.24
C4 XDU D . 10.28 -1.48 11.54
C5 XDU D . 10.10 -2.41 10.39
C6 XDU D . 9.27 -3.49 10.62
C7 XDU D . 9.02 -4.40 9.60
C8 XDU D . 9.56 -4.21 8.34
C9 XDU D . 10.38 -3.11 8.11
C10 XDU D . 10.64 -2.20 9.13
C11 XDU D . 10.02 2.15 11.64
C12 XDU D . 9.99 3.26 12.44
C13 XDU D . 9.73 4.59 11.82
F3 XDU D . 8.49 4.95 12.09
F1 XDU D . 10.58 5.49 12.28
F2 XDU D . 9.88 4.48 10.51
CL2 XDU D . 11.70 -0.80 8.76
CL1 XDU D . 9.22 -5.38 7.04
C1 XE0 E . 10.29 1.94 14.32
C2 XE0 E . 9.96 0.79 12.30
C3 XE0 E . 9.84 -0.40 11.39
C5 XE0 E . 10.44 -2.41 10.35
C6 XE0 E . 9.58 -3.44 10.72
C7 XE0 E . 9.12 -4.34 9.76
C8 XE0 E . 9.50 -4.20 8.43
C9 XE0 E . 10.34 -3.16 8.06
C10 XE0 E . 10.80 -2.27 9.02
C11 XE0 E . 9.74 1.98 11.67
F3 XE0 E . 10.37 5.35 12.12
C13 XE0 E . 9.54 4.42 11.65
F1 XE0 E . 9.73 4.23 10.36
F2 XE0 E . 8.29 4.78 11.86
C12 XE0 E . 9.80 3.15 12.38
N2 XE0 E . 10.07 3.12 13.69
O XE0 E . 10.55 2.00 15.66
N1 XE0 E . 10.23 0.76 13.63
C4 XE0 E . 10.94 -1.45 11.41
CL2 XE0 E . 11.89 -0.96 8.44
CL1 XE0 E . 8.88 -5.34 7.16
C FMT F . 1.99 9.96 19.49
O1 FMT F . 1.93 10.78 18.59
O2 FMT F . 1.81 8.69 19.32
C FMT G . 6.47 -18.21 -1.86
O1 FMT G . 7.05 -17.32 -1.27
O2 FMT G . 5.70 -19.09 -1.29
C FMT H . 3.92 -17.90 -4.56
O1 FMT H . 4.36 -16.78 -4.68
O2 FMT H . 3.03 -18.44 -5.36
C FMT I . 11.91 -13.17 7.23
O1 FMT I . 11.22 -13.18 8.24
O2 FMT I . 11.54 -13.66 6.07
C FMT J . -16.73 12.81 13.81
O1 FMT J . -17.30 12.27 12.88
O2 FMT J . -16.61 14.10 13.94
C FMT K . 14.16 -29.10 7.61
O1 FMT K . 13.42 -29.92 8.12
O2 FMT K . 14.30 -28.93 6.32
C FMT L . 14.18 -5.54 8.03
O1 FMT L . 13.92 -5.64 9.21
O2 FMT L . 13.59 -4.70 7.22
C FMT M . 8.34 -1.31 -11.25
O1 FMT M . 8.05 -0.22 -10.79
O2 FMT M . 9.32 -2.05 -10.83
C FMT N . -17.50 -12.58 10.22
O1 FMT N . -16.84 -13.16 11.06
O2 FMT N . -17.22 -12.61 8.94
ZN ZN O . 10.38 15.81 -8.06
ZN ZN P . -6.44 28.44 -18.43
NA NA Q . 7.26 21.91 -17.80
C1 XE0 R . -0.71 14.35 -30.29
C2 XE0 R . 1.42 14.05 -29.33
C3 XE0 R . 2.56 14.55 -28.46
C5 XE0 R . 3.95 14.20 -26.48
C6 XE0 R . 4.31 15.52 -26.22
C7 XE0 R . 5.56 15.82 -25.68
C8 XE0 R . 6.46 14.80 -25.40
C9 XE0 R . 6.11 13.48 -25.66
C10 XE0 R . 4.86 13.19 -26.19
C11 XE0 R . 1.53 12.82 -29.97
F3 XE0 R . -0.26 10.18 -30.85
C13 XE0 R . 0.53 11.05 -31.48
F1 XE0 R . 0.10 11.20 -32.72
F2 XE0 R . 1.77 10.59 -31.50
C12 XE0 R . 0.47 12.38 -30.76
N2 XE0 R . -0.63 13.15 -30.91
O XE0 R . -1.84 15.10 -30.45
N1 XE0 R . 0.31 14.80 -29.50
C4 XE0 R . 2.58 13.93 -27.06
CL2 XE0 R . 4.46 11.46 -26.50
CL1 XE0 R . 8.07 15.19 -24.72
C1 XE0 S . 20.16 13.50 -15.76
C2 XE0 S . 19.73 11.21 -15.43
C3 XE0 S . 18.88 10.00 -15.72
C5 XE0 S . 17.09 8.71 -14.53
C6 XE0 S . 15.88 8.37 -15.14
C7 XE0 S . 15.30 7.12 -14.93
C8 XE0 S . 15.92 6.20 -14.10
C9 XE0 S . 17.12 6.53 -13.48
C10 XE0 S . 17.70 7.78 -13.69
C11 XE0 S . 20.79 11.14 -14.54
F3 XE0 S . 23.60 13.15 -13.71
C13 XE0 S . 22.70 12.26 -13.34
F1 XE0 S . 22.27 12.54 -12.12
F2 XE0 S . 23.25 11.05 -13.34
C12 XE0 S . 21.54 12.29 -14.29
N2 XE0 S . 21.21 13.45 -14.90
O XE0 S . 19.86 14.67 -16.37
N1 XE0 S . 19.43 12.40 -16.02
C4 XE0 S . 17.69 10.09 -14.77
CL2 XE0 S . 19.25 8.16 -12.87
CL1 XE0 S . 15.20 4.59 -13.81
C FMT T . -14.75 14.17 -18.43
O1 FMT T . -14.51 14.34 -17.25
O2 FMT T . -14.32 13.17 -19.15
#